data_7ELQ
#
_entry.id   7ELQ
#
_cell.length_a   79.472
_cell.length_b   92.944
_cell.length_c   40.298
_cell.angle_alpha   90.000
_cell.angle_beta   90.000
_cell.angle_gamma   90.000
#
_symmetry.space_group_name_H-M   'P 21 21 2'
#
loop_
_entity.id
_entity.type
_entity.pdbx_description
1 polymer 'NMT1_Mn (46-MER)'
2 non-polymer "GUANOSINE-5'-TRIPHOSPHATE"
3 non-polymer XANTHINE
4 non-polymer 'MANGANESE (II) ION'
5 non-polymer 'MAGNESIUM ION'
6 water water
#
_entity_poly.entity_id   1
_entity_poly.type   'polyribonucleotide'
_entity_poly.pdbx_seq_one_letter_code
;GAGUAGAAGCGUUCAGCGGCCGAAAGGCCGCCCGGAAAUUGCUCC
;
_entity_poly.pdbx_strand_id   A,B
#
loop_
_chem_comp.id
_chem_comp.type
_chem_comp.name
_chem_comp.formula
A RNA linking ADENOSINE-5'-MONOPHOSPHATE 'C10 H14 N5 O7 P'
C RNA linking CYTIDINE-5'-MONOPHOSPHATE 'C9 H14 N3 O8 P'
G RNA linking GUANOSINE-5'-MONOPHOSPHATE 'C10 H14 N5 O8 P'
GTP non-polymer GUANOSINE-5'-TRIPHOSPHATE 'C10 H16 N5 O14 P3'
MG non-polymer 'MAGNESIUM ION' 'Mg 2'
MN non-polymer 'MANGANESE (II) ION' 'Mn 2'
U RNA linking URIDINE-5'-MONOPHOSPHATE 'C9 H13 N2 O9 P'
XAN non-polymer XANTHINE 'C5 H4 N4 O2'
#
# COMPACT_ATOMS: atom_id res chain seq x y z
PG GTP C . -2.11 1.79 -3.01
O1G GTP C . -2.88 3.07 -3.24
O2G GTP C . -1.67 1.70 -1.55
O3G GTP C . -0.87 1.80 -3.88
O3B GTP C . -3.07 0.53 -3.37
PB GTP C . -3.70 0.30 -4.84
O1B GTP C . -2.63 0.28 -5.90
O2B GTP C . -4.53 -0.97 -4.90
O3A GTP C . -4.59 1.64 -4.98
PA GTP C . -6.17 1.58 -5.27
O1A GTP C . -6.58 2.95 -5.77
O2A GTP C . -6.48 0.49 -6.27
O5' GTP C . -6.88 1.19 -3.89
C5' GTP C . -8.17 1.72 -3.63
C4' GTP C . -8.52 1.73 -2.14
O4' GTP C . -7.67 0.91 -1.36
C3' GTP C . -8.41 3.08 -1.48
O3' GTP C . -9.54 3.91 -1.68
C2' GTP C . -8.24 2.75 -0.02
O2' GTP C . -9.50 2.46 0.52
C1' GTP C . -7.39 1.50 -0.10
N9 GTP C . -5.94 1.78 -0.02
C8 GTP C . -5.04 1.48 -1.01
N7 GTP C . -3.82 1.83 -0.58
C5 GTP C . -3.90 2.36 0.65
C6 GTP C . -2.92 2.87 1.50
O6 GTP C . -1.74 2.90 1.14
N1 GTP C . -3.27 3.35 2.73
C2 GTP C . -4.60 3.31 3.10
N2 GTP C . -4.94 3.78 4.31
N3 GTP C . -5.58 2.80 2.25
C4 GTP C . -5.23 2.33 1.04
N9 XAN D . -1.31 16.56 -10.42
C4 XAN D . -0.39 15.77 -11.08
N3 XAN D . -0.49 14.59 -11.73
C2 XAN D . 0.62 14.02 -12.31
O2 XAN D . 0.51 12.95 -12.91
N1 XAN D . 1.82 14.67 -12.21
C6 XAN D . 2.01 15.89 -11.56
O6 XAN D . 3.15 16.38 -11.52
C5 XAN D . 0.83 16.43 -10.98
N7 XAN D . 0.65 17.61 -10.26
C8 XAN D . -0.63 17.64 -9.96
MN MN E . -6.12 15.78 -9.85
MN MN F . 5.43 16.87 -10.93
MN MN G . 2.33 21.74 -10.37
MN MN H . -18.14 31.46 -27.80
MN MN I . -0.82 23.77 -15.97
MG MG J . -12.26 6.71 -2.93
MG MG K . -4.85 10.40 -4.06
MG MG L . 11.82 21.48 -13.60
MG MG M . -12.56 31.13 -28.21
PG GTP N . 1.84 0.14 1.37
O1G GTP N . 1.83 -1.04 2.32
O2G GTP N . 0.46 0.27 0.74
O3G GTP N . 2.89 -0.05 0.29
O3B GTP N . 2.21 1.47 2.21
PB GTP N . 3.63 1.56 2.99
O1B GTP N . 4.76 1.35 1.99
O2B GTP N . 3.78 2.89 3.70
O3A GTP N . 3.50 0.30 4.01
PA GTP N . 3.62 0.44 5.61
O1A GTP N . 3.74 -0.93 6.21
O2A GTP N . 4.80 1.30 6.02
O5' GTP N . 2.24 1.11 6.11
C5' GTP N . 1.78 0.72 7.39
C4' GTP N . 0.28 0.95 7.59
O4' GTP N . -0.24 1.76 6.55
C3' GTP N . -0.59 -0.30 7.58
O3' GTP N . -0.67 -0.98 8.82
C2' GTP N . -1.93 0.25 7.16
O2' GTP N . -2.61 0.82 8.26
C1' GTP N . -1.55 1.35 6.19
N9 GTP N . -1.52 0.81 4.82
C8 GTP N . -0.40 0.73 4.03
N7 GTP N . -0.77 0.19 2.84
C5 GTP N . -2.09 -0.08 2.88
C6 GTP N . -2.94 -0.63 1.93
O6 GTP N . -2.48 -0.96 0.83
N1 GTP N . -4.27 -0.78 2.22
C2 GTP N . -4.75 -0.39 3.47
N2 GTP N . -6.04 -0.56 3.75
N3 GTP N . -3.90 0.15 4.40
C4 GTP N . -2.58 0.30 4.11
N9 XAN O . 3.98 -17.62 3.90
C4 XAN O . 5.02 -17.19 3.11
N3 XAN O . 5.96 -16.24 3.27
C2 XAN O . 6.91 -16.03 2.30
O2 XAN O . 7.75 -15.16 2.45
N1 XAN O . 6.87 -16.80 1.17
C6 XAN O . 5.93 -17.82 0.93
O6 XAN O . 5.99 -18.46 -0.12
C5 XAN O . 4.99 -17.99 1.96
N7 XAN O . 3.94 -18.89 2.07
C8 XAN O . 3.38 -18.62 3.23
MN MN P . 3.22 -16.12 8.29
MN MN Q . 24.63 -37.67 27.40
MN MN R . 28.02 -39.44 33.01
MG MG S . 5.10 -20.05 -2.02
MG MG T . 15.17 -24.65 17.75
MG MG U . 17.47 -31.99 21.25
MG MG V . 31.47 -39.83 25.78
MG MG W . 7.24 -26.65 6.24
#